data_4G6L
#
_entry.id   4G6L
#
_cell.length_a   70.181
_cell.length_b   70.942
_cell.length_c   170.417
_cell.angle_alpha   90.00
_cell.angle_beta   90.00
_cell.angle_gamma   90.00
#
_symmetry.space_group_name_H-M   'P 21 21 21'
#
loop_
_entity.id
_entity.type
_entity.pdbx_description
1 polymer 'Cyclin-dependent kinase 8'
2 polymer Cyclin-C
3 non-polymer 'FORMIC ACID'
4 water water
#
loop_
_entity_poly.entity_id
_entity_poly.type
_entity_poly.pdbx_seq_one_letter_code
_entity_poly.pdbx_strand_id
1 'polypeptide(L)'
;DDKMDYDFKVKLSSERERVEDLFEYEGCKVGRGTYGHVYKAKRKDGKDDKDYALKQIEGTGISMSACREIALLRELKHPN
VISLQKVFLSHADRKVWLLFDYAEHDLWHIIKFHRASKANKKPVQLPRGMVKSLLYQILDGIHYLHANWVLHRDLKPANI
LVMGEGPERGRVKIADMGFARLFNSPLKPLADLDPVVVTFWYRAPELLLGARHYTKAIDIWAIGCIFAELLTSEPIFHCR
QEDIKTSNPYHHDQLDRIFNVMGFPADKDWEDIKKMPEHSTLMKDFRRNTYTNCSLIKYMEKHKVKPDSKAFHLLQKLLT
MDPIKRITSEQAMQDPYFLEDPLPTSDVFAGCQIPYPKREFLTEEEPDDKGDKKNQQQQQGNNHTNGTGHPGNQDSSHTQ
GPPLKK
;
A
2 'polypeptide(L)'
;DKAMAGNFWQSSHYLQWILDKQDLLKERQKDLKFLSEEEYWKLQIFFTNVIQALGEHLKLRQQVIATATVYFKRFYARYS
LKSIDPVLMAPTCVFLASKVEEFGVVSNTRLIAAATSVLKTRFSYAFPKEFPYRMNHILECEFYLLELMDCCLIVYHPYR
PLLQYVQDMGQEDMLLPLAWRIVNDTYRTDLCLLYPPFMIALACLHVACVVQQKDARQWFAELSVDMEKILEIIRVILKL
YEQWKNFDERKEMATILSKMPKPKPPPNSEGEQGPNGSQNSSYSQS
;
B
#
loop_
_chem_comp.id
_chem_comp.type
_chem_comp.name
_chem_comp.formula
FMT non-polymer 'FORMIC ACID' 'C H2 O2'
#
# COMPACT_ATOMS: atom_id res chain seq x y z
N ASP A 1 -16.23 -15.00 -19.79
CA ASP A 1 -15.31 -15.33 -20.91
C ASP A 1 -15.77 -16.64 -21.59
N ASP A 2 -15.66 -16.68 -22.92
CA ASP A 2 -15.96 -17.90 -23.70
C ASP A 2 -14.88 -19.00 -23.60
N LYS A 3 -13.72 -18.68 -23.03
CA LYS A 3 -12.60 -19.62 -22.79
C LYS A 3 -12.13 -19.73 -21.32
N MET A 4 -12.93 -19.23 -20.36
CA MET A 4 -12.82 -19.60 -18.93
C MET A 4 -13.67 -20.85 -18.69
N ASP A 5 -13.21 -21.71 -17.78
CA ASP A 5 -13.97 -22.92 -17.48
C ASP A 5 -15.32 -22.55 -16.89
N TYR A 6 -16.36 -23.19 -17.40
CA TYR A 6 -17.73 -22.83 -17.08
C TYR A 6 -18.11 -23.21 -15.65
N ASP A 7 -17.74 -24.42 -15.23
CA ASP A 7 -18.01 -24.90 -13.88
C ASP A 7 -17.41 -23.98 -12.82
N PHE A 8 -16.15 -23.59 -13.06
CA PHE A 8 -15.44 -22.59 -12.27
C PHE A 8 -16.17 -21.24 -12.27
N LYS A 9 -16.61 -20.80 -13.44
CA LYS A 9 -17.27 -19.51 -13.58
C LYS A 9 -18.59 -19.46 -12.84
N VAL A 10 -19.47 -20.44 -13.07
CA VAL A 10 -20.77 -20.49 -12.37
C VAL A 10 -20.65 -20.77 -10.87
N LYS A 11 -19.62 -21.53 -10.46
CA LYS A 11 -19.40 -21.83 -9.05
C LYS A 11 -19.08 -20.54 -8.31
N LEU A 12 -18.04 -19.84 -8.75
CA LEU A 12 -17.70 -18.55 -8.15
C LEU A 12 -18.88 -17.57 -8.21
N SER A 13 -19.59 -17.54 -9.34
CA SER A 13 -20.78 -16.73 -9.48
C SER A 13 -21.85 -17.07 -8.45
N SER A 14 -22.04 -18.37 -8.20
CA SER A 14 -22.96 -18.85 -7.16
C SER A 14 -22.63 -18.37 -5.76
N GLU A 15 -21.33 -18.33 -5.45
CA GLU A 15 -20.86 -18.08 -4.09
C GLU A 15 -20.46 -16.63 -3.81
N ARG A 16 -20.45 -15.78 -4.83
CA ARG A 16 -19.91 -14.40 -4.69
C ARG A 16 -20.88 -13.49 -3.91
N GLU A 17 -20.42 -12.98 -2.79
CA GLU A 17 -21.19 -12.03 -2.01
C GLU A 17 -21.25 -10.73 -2.81
N ARG A 18 -22.49 -10.27 -3.06
CA ARG A 18 -22.77 -9.04 -3.77
C ARG A 18 -23.17 -7.97 -2.76
N VAL A 19 -22.66 -6.76 -2.94
CA VAL A 19 -22.85 -5.67 -1.99
C VAL A 19 -24.34 -5.33 -1.78
N GLU A 20 -25.12 -5.34 -2.87
CA GLU A 20 -26.57 -5.08 -2.80
C GLU A 20 -27.38 -6.09 -1.97
N ASP A 21 -26.91 -7.34 -1.89
CA ASP A 21 -27.55 -8.38 -1.08
C ASP A 21 -27.26 -8.25 0.41
N LEU A 22 -26.00 -8.00 0.74
CA LEU A 22 -25.55 -7.94 2.14
C LEU A 22 -25.97 -6.66 2.89
N PHE A 23 -26.01 -5.53 2.17
CA PHE A 23 -26.12 -4.20 2.80
C PHE A 23 -27.25 -3.34 2.23
N GLU A 24 -27.87 -2.54 3.11
CA GLU A 24 -28.89 -1.56 2.76
C GLU A 24 -28.27 -0.17 2.81
N TYR A 25 -28.23 0.51 1.67
CA TYR A 25 -27.56 1.81 1.53
C TYR A 25 -28.18 2.80 0.53
N GLU A 26 -28.91 2.31 -0.47
CA GLU A 26 -29.59 3.16 -1.45
C GLU A 26 -30.20 4.42 -0.80
N GLY A 27 -29.71 5.59 -1.22
CA GLY A 27 -30.20 6.87 -0.71
C GLY A 27 -29.57 7.33 0.60
N CYS A 28 -28.49 6.67 1.02
CA CYS A 28 -27.78 7.04 2.24
C CYS A 28 -26.37 7.57 1.92
N LYS A 29 -26.23 8.26 0.79
CA LYS A 29 -24.96 8.87 0.38
C LYS A 29 -24.53 9.86 1.46
N VAL A 30 -23.31 9.70 1.99
CA VAL A 30 -22.80 10.51 3.10
C VAL A 30 -21.55 11.37 2.77
N GLY A 31 -20.88 11.06 1.66
CA GLY A 31 -19.74 11.86 1.17
C GLY A 31 -19.56 11.70 -0.33
N ARG A 32 -18.97 12.72 -0.97
CA ARG A 32 -18.74 12.72 -2.42
C ARG A 32 -17.42 13.41 -2.72
N GLY A 33 -16.58 12.77 -3.55
CA GLY A 33 -15.29 13.33 -3.96
C GLY A 33 -14.68 12.68 -5.18
N THR A 34 -13.59 13.27 -5.67
CA THR A 34 -12.79 12.71 -6.78
C THR A 34 -11.88 11.56 -6.31
N TYR A 35 -12.46 10.58 -5.63
CA TYR A 35 -11.77 9.36 -5.20
C TYR A 35 -12.73 8.20 -4.82
N GLY A 36 -13.96 8.21 -5.36
CA GLY A 36 -15.04 7.32 -4.94
C GLY A 36 -16.03 7.99 -4.00
N HIS A 37 -17.27 7.47 -3.97
CA HIS A 37 -18.41 8.03 -3.16
C HIS A 37 -18.84 7.11 -1.99
N VAL A 38 -18.98 7.70 -0.79
CA VAL A 38 -19.21 6.98 0.47
C VAL A 38 -20.68 7.01 0.92
N TYR A 39 -21.15 5.88 1.45
CA TYR A 39 -22.51 5.69 1.94
C TYR A 39 -22.54 5.17 3.39
N LYS A 40 -23.47 5.64 4.21
CA LYS A 40 -23.76 5.03 5.51
C LYS A 40 -24.64 3.81 5.28
N ALA A 41 -24.18 2.65 5.73
CA ALA A 41 -24.84 1.38 5.44
C ALA A 41 -25.21 0.63 6.71
N LYS A 42 -26.24 -0.21 6.60
CA LYS A 42 -26.55 -1.21 7.62
C LYS A 42 -26.72 -2.57 6.92
N ARG A 43 -26.46 -3.66 7.65
CA ARG A 43 -26.65 -5.01 7.10
C ARG A 43 -28.13 -5.33 6.97
N LYS A 44 -28.49 -6.04 5.91
CA LYS A 44 -29.88 -6.43 5.64
C LYS A 44 -30.36 -7.54 6.59
N ASP A 45 -29.51 -8.54 6.84
CA ASP A 45 -29.69 -9.49 7.94
C ASP A 45 -29.49 -8.77 9.28
N GLY A 46 -30.15 -9.24 10.34
CA GLY A 46 -30.08 -8.62 11.67
C GLY A 46 -28.95 -9.12 12.56
N LYS A 47 -27.79 -9.42 11.97
CA LYS A 47 -26.64 -9.96 12.69
C LYS A 47 -26.01 -8.94 13.64
N ASP A 48 -25.95 -7.68 13.21
CA ASP A 48 -25.55 -6.56 14.10
C ASP A 48 -26.14 -5.21 13.65
N ASP A 49 -26.50 -4.38 14.63
CA ASP A 49 -27.12 -3.08 14.38
C ASP A 49 -26.09 -1.93 14.30
N LYS A 50 -24.81 -2.28 14.06
CA LYS A 50 -23.78 -1.26 13.85
C LYS A 50 -23.89 -0.67 12.45
N ASP A 51 -23.33 0.52 12.29
CA ASP A 51 -23.29 1.22 11.01
C ASP A 51 -21.94 0.98 10.34
N TYR A 52 -21.96 0.83 9.02
CA TYR A 52 -20.75 0.69 8.22
C TYR A 52 -20.71 1.77 7.16
N ALA A 53 -19.49 2.13 6.75
CA ALA A 53 -19.26 3.04 5.63
C ALA A 53 -18.90 2.21 4.38
N LEU A 54 -19.71 2.33 3.34
CA LEU A 54 -19.49 1.66 2.04
C LEU A 54 -19.00 2.71 1.07
N LYS A 55 -17.79 2.53 0.54
CA LYS A 55 -17.22 3.42 -0.49
C LYS A 55 -17.19 2.70 -1.84
N GLN A 56 -17.90 3.24 -2.83
CA GLN A 56 -17.81 2.77 -4.23
C GLN A 56 -16.71 3.57 -4.93
N ILE A 57 -15.62 2.89 -5.32
CA ILE A 57 -14.47 3.55 -5.95
C ILE A 57 -14.79 3.93 -7.39
N GLU A 58 -14.51 5.21 -7.73
CA GLU A 58 -14.85 5.81 -9.03
C GLU A 58 -14.16 5.13 -10.22
N GLY A 59 -14.92 4.93 -11.30
CA GLY A 59 -14.42 4.30 -12.52
C GLY A 59 -14.55 2.79 -12.48
N THR A 60 -14.46 2.17 -13.66
CA THR A 60 -14.45 0.70 -13.75
C THR A 60 -13.07 0.14 -13.39
N GLY A 61 -13.05 -1.13 -13.00
CA GLY A 61 -11.80 -1.86 -12.80
C GLY A 61 -10.91 -1.34 -11.69
N ILE A 62 -9.65 -1.73 -11.76
CA ILE A 62 -8.67 -1.43 -10.72
C ILE A 62 -7.66 -0.45 -11.30
N SER A 63 -7.83 0.84 -10.98
CA SER A 63 -6.85 1.87 -11.36
C SER A 63 -5.68 1.82 -10.41
N MET A 64 -4.57 2.47 -10.74
CA MET A 64 -3.43 2.58 -9.83
C MET A 64 -3.89 2.99 -8.44
N SER A 65 -4.72 4.03 -8.38
CA SER A 65 -5.27 4.53 -7.12
C SER A 65 -6.08 3.48 -6.39
N ALA A 66 -6.94 2.80 -7.12
CA ALA A 66 -7.71 1.69 -6.56
C ALA A 66 -6.75 0.64 -6.02
N CYS A 67 -5.89 0.13 -6.90
CA CYS A 67 -4.90 -0.90 -6.55
C CYS A 67 -4.19 -0.64 -5.23
N ARG A 68 -3.54 0.51 -5.16
CA ARG A 68 -2.64 0.85 -4.06
C ARG A 68 -3.38 1.04 -2.72
N GLU A 69 -4.57 1.63 -2.78
CA GLU A 69 -5.43 1.77 -1.60
C GLU A 69 -5.85 0.41 -1.06
N ILE A 70 -6.32 -0.45 -1.95
CA ILE A 70 -6.63 -1.85 -1.61
C ILE A 70 -5.37 -2.55 -1.06
N ALA A 71 -4.28 -2.50 -1.83
CA ALA A 71 -2.99 -3.08 -1.44
C ALA A 71 -2.55 -2.73 -0.02
N LEU A 72 -2.49 -1.44 0.27
CA LEU A 72 -2.03 -0.97 1.59
C LEU A 72 -3.03 -1.21 2.71
N LEU A 73 -4.30 -0.84 2.50
CA LEU A 73 -5.32 -1.00 3.56
C LEU A 73 -5.46 -2.45 4.00
N ARG A 74 -5.26 -3.36 3.05
CA ARG A 74 -5.24 -4.78 3.34
C ARG A 74 -4.09 -5.21 4.27
N GLU A 75 -2.99 -4.46 4.30
CA GLU A 75 -1.89 -4.71 5.22
C GLU A 75 -1.98 -3.96 6.54
N LEU A 76 -2.41 -2.69 6.49
CA LEU A 76 -2.35 -1.80 7.66
C LEU A 76 -3.34 -2.20 8.75
N LYS A 77 -2.86 -2.22 10.00
CA LYS A 77 -3.68 -2.55 11.18
C LYS A 77 -3.16 -1.74 12.39
N HIS A 78 -3.95 -0.76 12.80
CA HIS A 78 -3.62 0.09 13.95
C HIS A 78 -4.91 0.79 14.38
N PRO A 79 -5.17 0.90 15.70
CA PRO A 79 -6.49 1.45 16.13
C PRO A 79 -6.86 2.86 15.64
N ASN A 80 -5.84 3.69 15.37
CA ASN A 80 -6.04 5.06 14.91
C ASN A 80 -6.03 5.25 13.38
N VAL A 81 -6.09 4.14 12.64
CA VAL A 81 -6.14 4.19 11.19
C VAL A 81 -7.34 3.37 10.74
N ILE A 82 -8.08 3.92 9.77
CA ILE A 82 -9.34 3.33 9.29
C ILE A 82 -9.08 1.90 8.75
N SER A 83 -9.97 0.97 9.10
CA SER A 83 -9.78 -0.46 8.82
C SER A 83 -10.64 -0.91 7.66
N LEU A 84 -10.02 -1.50 6.64
CA LEU A 84 -10.79 -2.17 5.59
C LEU A 84 -11.37 -3.46 6.16
N GLN A 85 -12.69 -3.53 6.27
CA GLN A 85 -13.38 -4.74 6.73
C GLN A 85 -13.53 -5.72 5.58
N LYS A 86 -13.93 -5.23 4.40
CA LYS A 86 -14.17 -6.11 3.23
C LYS A 86 -14.11 -5.36 1.90
N VAL A 87 -13.70 -6.08 0.85
CA VAL A 87 -13.69 -5.59 -0.53
C VAL A 87 -14.72 -6.37 -1.35
N PHE A 88 -15.73 -5.69 -1.91
CA PHE A 88 -16.68 -6.30 -2.87
C PHE A 88 -16.24 -5.97 -4.27
N LEU A 89 -16.13 -6.98 -5.12
CA LEU A 89 -15.81 -6.81 -6.53
C LEU A 89 -17.05 -7.22 -7.32
N SER A 90 -17.72 -6.22 -7.89
CA SER A 90 -18.99 -6.42 -8.59
C SER A 90 -18.67 -6.65 -10.07
N HIS A 91 -18.92 -7.87 -10.53
CA HIS A 91 -18.47 -8.32 -11.86
C HIS A 91 -19.25 -7.72 -13.02
N ALA A 92 -20.54 -7.47 -12.81
CA ALA A 92 -21.44 -6.96 -13.87
C ALA A 92 -21.05 -5.57 -14.36
N ASP A 93 -20.89 -4.64 -13.43
CA ASP A 93 -20.56 -3.22 -13.72
C ASP A 93 -19.09 -2.87 -13.51
N ARG A 94 -18.30 -3.82 -12.99
CA ARG A 94 -16.85 -3.65 -12.78
C ARG A 94 -16.49 -2.57 -11.75
N LYS A 95 -17.39 -2.32 -10.81
CA LYS A 95 -17.19 -1.36 -9.73
C LYS A 95 -16.63 -2.07 -8.50
N VAL A 96 -15.75 -1.39 -7.76
CA VAL A 96 -15.16 -1.91 -6.52
C VAL A 96 -15.75 -1.18 -5.32
N TRP A 97 -16.14 -1.93 -4.29
CA TRP A 97 -16.66 -1.34 -3.07
C TRP A 97 -15.79 -1.75 -1.90
N LEU A 98 -15.43 -0.76 -1.08
CA LEU A 98 -14.67 -0.98 0.15
C LEU A 98 -15.60 -0.74 1.36
N LEU A 99 -15.62 -1.67 2.31
CA LEU A 99 -16.44 -1.57 3.51
C LEU A 99 -15.56 -1.20 4.71
N PHE A 100 -15.97 -0.16 5.45
CA PHE A 100 -15.29 0.27 6.68
C PHE A 100 -16.28 0.37 7.83
N ASP A 101 -15.75 0.33 9.05
CA ASP A 101 -16.51 0.70 10.23
C ASP A 101 -16.84 2.20 10.12
N TYR A 102 -18.08 2.56 10.42
CA TYR A 102 -18.59 3.91 10.21
C TYR A 102 -18.11 4.86 11.31
N ALA A 103 -17.48 5.97 10.91
CA ALA A 103 -17.08 7.03 11.82
C ALA A 103 -18.13 8.14 11.78
N GLU A 104 -18.79 8.37 12.90
CA GLU A 104 -19.90 9.32 12.99
C GLU A 104 -19.43 10.76 12.91
N HIS A 105 -18.24 11.04 13.42
CA HIS A 105 -17.70 12.39 13.49
C HIS A 105 -16.38 12.54 12.76
N ASP A 106 -15.99 13.81 12.60
CA ASP A 106 -14.69 14.16 12.06
C ASP A 106 -14.29 15.52 12.61
N LEU A 107 -12.99 15.81 12.59
CA LEU A 107 -12.50 17.07 13.17
C LEU A 107 -13.01 18.32 12.44
N TRP A 108 -13.36 18.20 11.15
CA TRP A 108 -13.89 19.33 10.37
C TRP A 108 -15.23 19.80 10.93
N HIS A 109 -16.14 18.85 11.18
CA HIS A 109 -17.45 19.15 11.78
C HIS A 109 -17.34 19.55 13.25
N ILE A 110 -16.52 18.82 14.01
CA ILE A 110 -16.26 19.15 15.42
C ILE A 110 -15.80 20.60 15.54
N ILE A 111 -14.72 20.94 14.86
CA ILE A 111 -14.18 22.31 14.85
C ILE A 111 -15.21 23.35 14.37
N LYS A 112 -16.00 23.02 13.35
CA LYS A 112 -16.99 23.98 12.79
C LYS A 112 -18.16 24.25 13.75
N PHE A 113 -18.58 23.23 14.49
CA PHE A 113 -19.54 23.35 15.60
C PHE A 113 -19.05 24.34 16.68
N HIS A 114 -17.80 24.18 17.09
CA HIS A 114 -17.15 25.10 18.04
C HIS A 114 -16.97 26.50 17.47
N ARG A 115 -16.60 26.60 16.20
CA ARG A 115 -16.45 27.90 15.52
C ARG A 115 -17.80 28.62 15.40
N ALA A 116 -18.89 27.85 15.22
CA ALA A 116 -20.24 28.41 15.25
C ALA A 116 -20.65 28.70 16.70
N SER A 117 -20.37 29.93 17.14
CA SER A 117 -20.57 30.37 18.53
C SER A 117 -21.02 31.83 18.62
N LEU A 126 -13.38 23.84 22.34
CA LEU A 126 -12.95 22.47 22.61
C LEU A 126 -12.30 22.35 24.00
N PRO A 127 -12.80 21.44 24.87
CA PRO A 127 -12.05 21.12 26.11
C PRO A 127 -10.61 20.64 25.84
N ARG A 128 -9.69 21.03 26.72
CA ARG A 128 -8.25 20.81 26.50
C ARG A 128 -7.81 19.37 26.67
N GLY A 129 -8.51 18.61 27.52
CA GLY A 129 -8.37 17.15 27.57
C GLY A 129 -8.60 16.50 26.20
N MET A 130 -9.64 16.95 25.51
CA MET A 130 -10.02 16.48 24.18
C MET A 130 -9.02 16.87 23.10
N VAL A 131 -8.50 18.10 23.17
CA VAL A 131 -7.53 18.57 22.18
C VAL A 131 -6.25 17.75 22.24
N LYS A 132 -5.76 17.52 23.46
CA LYS A 132 -4.55 16.74 23.67
C LYS A 132 -4.76 15.32 23.22
N SER A 133 -5.89 14.74 23.61
CA SER A 133 -6.19 13.37 23.23
C SER A 133 -6.35 13.18 21.72
N LEU A 134 -6.97 14.14 21.04
CA LEU A 134 -7.06 14.13 19.57
C LEU A 134 -5.67 14.13 18.95
N LEU A 135 -4.87 15.13 19.33
CA LEU A 135 -3.50 15.25 18.85
C LEU A 135 -2.67 13.99 19.08
N TYR A 136 -2.78 13.41 20.28
CA TYR A 136 -1.99 12.22 20.59
C TYR A 136 -2.32 11.05 19.66
N GLN A 137 -3.61 10.85 19.40
CA GLN A 137 -4.06 9.72 18.56
C GLN A 137 -3.74 9.95 17.09
N ILE A 138 -3.84 11.20 16.65
CA ILE A 138 -3.41 11.58 15.30
C ILE A 138 -1.93 11.21 15.15
N LEU A 139 -1.12 11.65 16.10
CA LEU A 139 0.31 11.31 16.14
C LEU A 139 0.57 9.80 16.22
N ASP A 140 -0.23 9.08 17.01
CA ASP A 140 -0.08 7.63 17.14
C ASP A 140 -0.33 6.93 15.80
N GLY A 141 -1.38 7.36 15.12
CA GLY A 141 -1.78 6.80 13.83
C GLY A 141 -0.84 7.13 12.67
N ILE A 142 -0.35 8.36 12.62
CA ILE A 142 0.61 8.77 11.60
C ILE A 142 1.95 8.07 11.80
N HIS A 143 2.39 8.00 13.06
CA HIS A 143 3.61 7.30 13.43
C HIS A 143 3.63 5.83 12.96
N TYR A 144 2.49 5.16 13.08
CA TYR A 144 2.34 3.81 12.57
C TYR A 144 2.60 3.81 11.06
N LEU A 145 1.82 4.64 10.35
CA LEU A 145 1.95 4.77 8.90
C LEU A 145 3.42 5.00 8.51
N HIS A 146 4.01 6.04 9.10
CA HIS A 146 5.42 6.44 8.86
C HIS A 146 6.46 5.35 9.13
N ALA A 147 6.27 4.56 10.18
CA ALA A 147 7.15 3.44 10.49
C ALA A 147 7.10 2.37 9.36
N ASN A 148 5.95 2.29 8.69
CA ASN A 148 5.73 1.41 7.55
C ASN A 148 5.92 2.11 6.20
N TRP A 149 6.60 3.25 6.24
CA TRP A 149 6.89 4.06 5.06
C TRP A 149 5.66 4.35 4.21
N VAL A 150 4.54 4.61 4.87
CA VAL A 150 3.32 5.07 4.22
C VAL A 150 3.11 6.50 4.63
N LEU A 151 3.06 7.39 3.66
CA LEU A 151 2.73 8.81 3.89
C LEU A 151 1.24 8.98 3.71
N HIS A 152 0.70 10.04 4.29
CA HIS A 152 -0.70 10.40 4.12
C HIS A 152 -0.90 11.33 2.93
N ARG A 153 -0.22 12.48 2.97
CA ARG A 153 -0.13 13.47 1.85
C ARG A 153 -1.32 14.42 1.66
N ASP A 154 -2.42 14.16 2.34
CA ASP A 154 -3.60 15.00 2.29
C ASP A 154 -4.23 15.12 3.69
N LEU A 155 -3.38 15.27 4.71
CA LEU A 155 -3.86 15.47 6.09
C LEU A 155 -4.59 16.80 6.28
N LYS A 156 -5.76 16.71 6.88
CA LYS A 156 -6.61 17.85 7.19
C LYS A 156 -7.79 17.40 8.08
N PRO A 157 -8.42 18.34 8.80
CA PRO A 157 -9.54 18.01 9.68
C PRO A 157 -10.63 17.07 9.13
N ALA A 158 -11.00 17.23 7.86
CA ALA A 158 -12.02 16.37 7.25
C ALA A 158 -11.56 14.93 7.08
N ASN A 159 -10.24 14.72 7.00
CA ASN A 159 -9.64 13.39 6.93
C ASN A 159 -9.25 12.79 8.30
N ILE A 160 -9.54 13.49 9.40
CA ILE A 160 -9.39 12.95 10.76
C ILE A 160 -10.78 12.60 11.32
N LEU A 161 -11.22 11.36 11.07
CA LEU A 161 -12.50 10.87 11.58
C LEU A 161 -12.41 10.56 13.08
N VAL A 162 -13.56 10.61 13.74
CA VAL A 162 -13.67 10.29 15.17
C VAL A 162 -14.92 9.43 15.40
N MET A 163 -14.73 8.27 16.03
CA MET A 163 -15.79 7.31 16.22
C MET A 163 -16.78 7.79 17.28
N GLY A 164 -18.06 7.46 17.09
CA GLY A 164 -19.14 7.85 17.99
C GLY A 164 -19.58 6.70 18.88
N GLU A 165 -20.83 6.78 19.35
CA GLU A 165 -21.37 5.75 20.24
C GLU A 165 -21.12 4.35 19.68
N GLY A 166 -20.59 3.48 20.55
CA GLY A 166 -20.15 2.13 20.16
C GLY A 166 -18.90 1.77 20.94
N PRO A 167 -18.39 0.55 20.75
CA PRO A 167 -17.22 0.07 21.51
C PRO A 167 -15.92 0.84 21.29
N GLU A 168 -15.82 1.58 20.19
CA GLU A 168 -14.69 2.48 19.94
C GLU A 168 -15.04 3.96 20.14
N ARG A 169 -15.98 4.22 21.04
CA ARG A 169 -16.41 5.59 21.37
C ARG A 169 -15.22 6.52 21.55
N GLY A 170 -15.17 7.58 20.74
CA GLY A 170 -14.18 8.63 20.85
C GLY A 170 -12.76 8.30 20.42
N ARG A 171 -12.57 7.25 19.63
CA ARG A 171 -11.24 6.92 19.12
C ARG A 171 -11.01 7.60 17.76
N VAL A 172 -9.83 8.16 17.56
CA VAL A 172 -9.51 8.78 16.28
C VAL A 172 -9.25 7.72 15.22
N LYS A 173 -9.74 8.00 14.00
CA LYS A 173 -9.53 7.14 12.83
C LYS A 173 -9.04 7.99 11.65
N ILE A 174 -7.75 7.90 11.35
CA ILE A 174 -7.19 8.62 10.21
C ILE A 174 -7.71 7.95 8.95
N ALA A 175 -8.10 8.77 7.98
CA ALA A 175 -8.81 8.31 6.77
C ALA A 175 -8.33 9.04 5.53
N ASP A 176 -8.75 8.56 4.37
CA ASP A 176 -8.62 9.27 3.07
C ASP A 176 -7.16 9.58 2.69
N MET A 177 -6.27 8.64 2.93
CA MET A 177 -4.87 8.80 2.57
C MET A 177 -4.69 8.87 1.06
N GLY A 178 -3.80 9.76 0.61
CA GLY A 178 -3.38 9.80 -0.80
C GLY A 178 -2.49 8.62 -1.14
N PHE A 179 -3.09 7.50 -1.48
CA PHE A 179 -2.31 6.27 -1.71
C PHE A 179 -1.57 6.29 -3.04
N ALA A 180 -2.23 6.83 -4.08
CA ALA A 180 -1.57 7.05 -5.38
C ALA A 180 -1.14 8.52 -5.54
N ARG A 181 0.16 8.74 -5.70
CA ARG A 181 0.71 9.96 -6.30
C ARG A 181 1.83 9.53 -7.26
N LEU A 182 1.63 9.75 -8.56
CA LEU A 182 2.61 9.37 -9.58
C LEU A 182 4.04 9.82 -9.22
N PHE A 183 4.95 8.84 -9.04
CA PHE A 183 6.37 9.06 -8.65
C PHE A 183 6.57 9.73 -7.27
N ASN A 184 5.58 9.61 -6.38
CA ASN A 184 5.53 10.32 -5.10
C ASN A 184 5.51 11.85 -5.28
N SER A 185 5.01 12.33 -6.43
CA SER A 185 5.16 13.75 -6.84
C SER A 185 3.95 14.65 -6.44
N PRO A 186 4.20 15.74 -5.66
CA PRO A 186 3.15 16.77 -5.46
C PRO A 186 2.86 17.56 -6.72
N LEU A 187 3.87 17.64 -7.59
CA LEU A 187 3.79 18.33 -8.86
C LEU A 187 2.95 17.50 -9.85
N PHE A 200 -5.22 24.91 0.20
CA PHE A 200 -3.80 24.80 0.58
C PHE A 200 -3.45 25.15 2.06
N TRP A 201 -4.45 25.23 2.93
CA TRP A 201 -4.23 25.72 4.31
C TRP A 201 -3.33 24.84 5.18
N TYR A 202 -3.18 23.57 4.81
CA TYR A 202 -2.48 22.58 5.62
C TYR A 202 -1.18 22.12 4.95
N ARG A 203 -0.81 22.77 3.85
CA ARG A 203 0.38 22.41 3.10
C ARG A 203 1.64 23.13 3.60
N ALA A 204 2.70 22.36 3.86
CA ALA A 204 4.00 22.87 4.37
C ALA A 204 4.70 23.77 3.37
N PRO A 205 5.46 24.78 3.83
CA PRO A 205 6.07 25.77 2.92
C PRO A 205 6.90 25.16 1.79
N GLU A 206 7.57 24.04 2.03
CA GLU A 206 8.38 23.40 0.99
C GLU A 206 7.57 22.97 -0.26
N LEU A 207 6.36 22.46 -0.06
CA LEU A 207 5.44 22.20 -1.17
C LEU A 207 5.09 23.49 -1.92
N LEU A 208 4.83 24.56 -1.17
CA LEU A 208 4.52 25.86 -1.79
C LEU A 208 5.73 26.43 -2.56
N LEU A 209 6.96 26.09 -2.14
CA LEU A 209 8.17 26.48 -2.88
C LEU A 209 8.69 25.38 -3.84
N GLY A 210 7.84 24.40 -4.15
CA GLY A 210 8.08 23.48 -5.26
C GLY A 210 8.85 22.22 -4.92
N ALA A 211 8.70 21.74 -3.67
CA ALA A 211 9.26 20.45 -3.26
C ALA A 211 8.75 19.35 -4.19
N ARG A 212 9.68 18.53 -4.67
CA ARG A 212 9.41 17.53 -5.71
C ARG A 212 8.88 16.19 -5.17
N HIS A 213 8.83 16.02 -3.84
CA HIS A 213 8.40 14.77 -3.21
C HIS A 213 7.63 15.00 -1.93
N TYR A 214 6.70 14.08 -1.62
CA TYR A 214 6.05 14.07 -0.31
C TYR A 214 7.00 13.40 0.68
N THR A 215 6.92 13.85 1.93
CA THR A 215 7.82 13.41 2.99
C THR A 215 7.05 13.29 4.30
N LYS A 216 7.58 12.47 5.22
CA LYS A 216 7.14 12.46 6.61
C LYS A 216 6.98 13.89 7.17
N ALA A 217 7.95 14.76 6.92
CA ALA A 217 7.87 16.13 7.46
C ALA A 217 6.61 16.89 7.01
N ILE A 218 6.20 16.71 5.75
CA ILE A 218 5.04 17.41 5.18
C ILE A 218 3.76 17.02 5.91
N ASP A 219 3.60 15.73 6.23
CA ASP A 219 2.49 15.27 7.06
C ASP A 219 2.53 15.91 8.44
N ILE A 220 3.72 16.03 9.01
CA ILE A 220 3.87 16.56 10.36
C ILE A 220 3.45 18.02 10.40
N TRP A 221 3.90 18.81 9.43
CA TRP A 221 3.47 20.21 9.31
C TRP A 221 1.94 20.25 9.35
N ALA A 222 1.33 19.39 8.56
CA ALA A 222 -0.12 19.31 8.50
C ALA A 222 -0.72 19.08 9.89
N ILE A 223 -0.08 18.23 10.70
CA ILE A 223 -0.59 17.92 12.05
C ILE A 223 -0.48 19.14 12.97
N GLY A 224 0.63 19.88 12.85
CA GLY A 224 0.80 21.15 13.55
C GLY A 224 -0.32 22.13 13.26
N CYS A 225 -0.67 22.28 11.97
CA CYS A 225 -1.80 23.15 11.57
C CYS A 225 -3.09 22.72 12.25
N ILE A 226 -3.34 21.39 12.27
CA ILE A 226 -4.54 20.86 12.88
C ILE A 226 -4.57 21.12 14.40
N PHE A 227 -3.43 20.96 15.05
CA PHE A 227 -3.30 21.26 16.48
C PHE A 227 -3.57 22.73 16.81
N ALA A 228 -3.08 23.63 15.96
CA ALA A 228 -3.32 25.07 16.16
C ALA A 228 -4.82 25.39 15.97
N GLU A 229 -5.42 24.74 14.98
CA GLU A 229 -6.86 24.86 14.73
C GLU A 229 -7.69 24.25 15.88
N LEU A 230 -7.22 23.16 16.49
CA LEU A 230 -7.89 22.59 17.68
C LEU A 230 -7.84 23.53 18.92
N LEU A 231 -6.72 24.23 19.11
CA LEU A 231 -6.59 25.12 20.25
C LEU A 231 -7.44 26.39 20.06
N THR A 232 -7.44 26.96 18.86
CA THR A 232 -8.08 28.24 18.55
C THR A 232 -9.46 28.17 17.87
N SER A 233 -9.74 27.04 17.20
CA SER A 233 -10.96 26.82 16.39
C SER A 233 -10.91 27.52 15.02
N GLU A 234 -9.75 28.06 14.66
CA GLU A 234 -9.57 28.89 13.46
C GLU A 234 -8.39 28.30 12.67
N PRO A 235 -8.54 28.07 11.35
CA PRO A 235 -7.38 27.59 10.59
C PRO A 235 -6.21 28.58 10.68
N ILE A 236 -5.08 28.11 11.20
CA ILE A 236 -3.95 28.99 11.50
C ILE A 236 -3.49 29.71 10.24
N PHE A 237 -3.46 29.00 9.12
CA PHE A 237 -3.03 29.56 7.85
C PHE A 237 -4.20 29.77 6.87
N HIS A 238 -5.35 30.17 7.40
CA HIS A 238 -6.53 30.45 6.58
C HIS A 238 -6.21 31.46 5.48
N CYS A 239 -6.71 31.17 4.28
CA CYS A 239 -6.39 31.96 3.09
C CYS A 239 -7.51 31.88 2.07
N ARG A 240 -7.69 32.92 1.27
CA ARG A 240 -8.70 32.95 0.21
C ARG A 240 -8.36 32.02 -0.97
N GLN A 241 -9.33 31.82 -1.86
CA GLN A 241 -9.16 31.01 -3.08
C GLN A 241 -8.19 31.68 -4.06
N GLU A 242 -7.15 30.96 -4.48
CA GLU A 242 -6.10 31.46 -5.38
C GLU A 242 -6.20 30.80 -6.75
N PRO A 249 1.76 24.80 -8.16
CA PRO A 249 2.89 24.55 -7.24
C PRO A 249 3.13 25.72 -6.26
N TYR A 250 3.48 26.88 -6.79
CA TYR A 250 3.78 28.08 -6.00
C TYR A 250 2.54 28.92 -5.82
N HIS A 251 2.16 29.17 -4.57
CA HIS A 251 0.93 29.90 -4.24
C HIS A 251 1.27 31.07 -3.35
N HIS A 252 1.30 32.27 -3.94
CA HIS A 252 1.80 33.47 -3.29
C HIS A 252 1.08 33.80 -1.97
N ASP A 253 -0.24 33.95 -2.06
CA ASP A 253 -1.07 34.39 -0.94
C ASP A 253 -1.05 33.43 0.25
N GLN A 254 -0.98 32.13 -0.02
CA GLN A 254 -0.83 31.14 1.05
C GLN A 254 0.51 31.33 1.79
N LEU A 255 1.55 31.64 1.02
CA LEU A 255 2.85 31.96 1.62
C LEU A 255 2.80 33.26 2.40
N ASP A 256 2.11 34.27 1.87
CA ASP A 256 1.88 35.53 2.60
C ASP A 256 1.23 35.32 3.99
N ARG A 257 0.29 34.38 4.06
CA ARG A 257 -0.36 34.05 5.33
C ARG A 257 0.56 33.31 6.28
N ILE A 258 1.34 32.37 5.74
CA ILE A 258 2.31 31.66 6.56
C ILE A 258 3.23 32.66 7.25
N PHE A 259 3.71 33.65 6.50
CA PHE A 259 4.62 34.66 7.08
C PHE A 259 3.94 35.66 8.02
N ASN A 260 2.67 36.03 7.77
CA ASN A 260 1.89 36.91 8.69
C ASN A 260 1.74 36.28 10.08
N VAL A 261 1.63 34.96 10.12
CA VAL A 261 1.55 34.20 11.38
C VAL A 261 2.95 33.91 11.94
N MET A 262 3.80 33.29 11.12
CA MET A 262 5.11 32.78 11.57
C MET A 262 6.27 33.77 11.56
N GLY A 263 6.15 34.84 10.79
CA GLY A 263 7.31 35.67 10.44
C GLY A 263 8.02 35.09 9.24
N PHE A 264 8.93 35.86 8.66
CA PHE A 264 9.70 35.43 7.49
C PHE A 264 10.97 34.73 7.99
N PRO A 265 11.31 33.54 7.44
CA PRO A 265 12.41 32.76 7.95
C PRO A 265 13.76 33.38 7.70
N ALA A 266 14.61 33.41 8.72
CA ALA A 266 15.99 33.86 8.56
C ALA A 266 16.79 32.78 7.83
N ASP A 267 17.95 33.17 7.32
CA ASP A 267 18.88 32.24 6.67
C ASP A 267 19.20 31.09 7.61
N LYS A 268 19.53 31.44 8.85
CA LYS A 268 19.83 30.49 9.95
C LYS A 268 18.71 29.47 10.23
N ASP A 269 17.45 29.85 10.06
CA ASP A 269 16.29 28.96 10.34
C ASP A 269 16.06 27.89 9.27
N TRP A 270 16.44 28.20 8.03
CA TRP A 270 16.20 27.30 6.89
C TRP A 270 17.29 27.51 5.82
N GLU A 271 18.48 26.99 6.09
CA GLU A 271 19.63 27.12 5.19
C GLU A 271 19.36 26.61 3.77
N ASP A 272 18.75 25.43 3.69
CA ASP A 272 18.39 24.81 2.40
C ASP A 272 17.24 25.47 1.62
N ILE A 273 16.59 26.50 2.16
CA ILE A 273 15.54 27.24 1.41
C ILE A 273 16.03 27.71 0.02
N LYS A 274 17.33 28.02 -0.09
CA LYS A 274 17.97 28.40 -1.35
C LYS A 274 18.00 27.27 -2.39
N LYS A 275 17.93 26.03 -1.92
CA LYS A 275 17.87 24.85 -2.80
C LYS A 275 16.47 24.62 -3.41
N MET A 276 15.44 25.33 -2.91
CA MET A 276 14.07 25.13 -3.41
C MET A 276 13.93 25.71 -4.82
N PRO A 277 13.18 25.03 -5.71
CA PRO A 277 13.02 25.57 -7.08
C PRO A 277 12.42 26.98 -7.18
N GLU A 278 11.53 27.33 -6.23
CA GLU A 278 10.83 28.64 -6.25
C GLU A 278 11.44 29.72 -5.33
N HIS A 279 12.66 29.50 -4.86
CA HIS A 279 13.32 30.46 -3.98
C HIS A 279 13.51 31.82 -4.67
N SER A 280 13.93 31.82 -5.93
CA SER A 280 14.07 33.08 -6.66
C SER A 280 12.75 33.86 -6.82
N THR A 281 11.65 33.14 -7.00
CA THR A 281 10.32 33.75 -7.04
C THR A 281 9.97 34.37 -5.69
N LEU A 282 10.22 33.62 -4.62
CA LEU A 282 10.03 34.09 -3.24
C LEU A 282 10.76 35.41 -3.01
N MET A 283 12.02 35.47 -3.44
CA MET A 283 12.82 36.68 -3.27
C MET A 283 12.27 37.88 -4.06
N LYS A 284 11.84 37.65 -5.30
CA LYS A 284 11.22 38.71 -6.10
C LYS A 284 9.94 39.23 -5.44
N ASP A 285 9.11 38.32 -4.95
CA ASP A 285 7.75 38.66 -4.51
C ASP A 285 7.67 39.20 -3.07
N PHE A 286 8.57 38.76 -2.18
CA PHE A 286 8.47 39.06 -0.73
C PHE A 286 9.68 39.80 -0.13
N ARG A 287 9.40 40.61 0.92
CA ARG A 287 10.45 41.29 1.70
C ARG A 287 10.36 40.91 3.19
N ARG A 288 11.52 40.65 3.78
CA ARG A 288 11.66 40.30 5.20
C ARG A 288 10.97 41.30 6.17
N ASN A 289 11.17 42.59 5.91
CA ASN A 289 10.66 43.65 6.80
C ASN A 289 9.14 43.81 6.83
N THR A 290 8.46 43.27 5.81
CA THR A 290 7.00 43.13 5.80
C THR A 290 6.49 42.41 7.07
N TYR A 291 7.22 41.40 7.54
CA TYR A 291 6.80 40.52 8.65
C TYR A 291 7.63 40.66 9.96
N THR A 292 8.20 41.83 10.21
CA THR A 292 9.04 42.05 11.40
C THR A 292 8.26 41.94 12.72
N ASN A 293 7.01 42.39 12.73
CA ASN A 293 6.15 42.23 13.90
C ASN A 293 5.69 40.78 14.14
N CYS A 294 5.65 40.00 13.06
CA CYS A 294 4.99 38.70 13.04
C CYS A 294 5.78 37.55 13.66
N SER A 295 5.14 36.79 14.56
CA SER A 295 5.64 35.46 14.99
C SER A 295 4.54 34.58 15.58
N LEU A 296 4.82 33.28 15.67
CA LEU A 296 3.88 32.31 16.23
C LEU A 296 3.48 32.63 17.66
N ILE A 297 4.43 33.16 18.44
CA ILE A 297 4.18 33.61 19.81
C ILE A 297 3.08 34.67 19.81
N LYS A 298 3.24 35.70 18.98
CA LYS A 298 2.27 36.79 18.93
C LYS A 298 0.93 36.33 18.37
N TYR A 299 0.97 35.44 17.38
CA TYR A 299 -0.28 34.91 16.81
C TYR A 299 -1.10 34.22 17.89
N MET A 300 -0.51 33.24 18.56
CA MET A 300 -1.21 32.44 19.56
C MET A 300 -1.69 33.24 20.79
N GLU A 301 -0.96 34.28 21.17
CA GLU A 301 -1.38 35.18 22.26
C GLU A 301 -2.73 35.87 21.96
N LYS A 302 -2.94 36.27 20.70
CA LYS A 302 -4.23 36.83 20.26
C LYS A 302 -5.38 35.84 20.47
N HIS A 303 -5.12 34.55 20.21
CA HIS A 303 -6.10 33.48 20.41
C HIS A 303 -5.98 32.78 21.77
N LYS A 304 -5.60 33.54 22.80
CA LYS A 304 -5.73 33.15 24.22
C LYS A 304 -5.04 31.83 24.56
N VAL A 305 -3.83 31.65 24.05
CA VAL A 305 -2.98 30.49 24.32
C VAL A 305 -1.62 31.00 24.81
N LYS A 306 -1.15 30.46 25.94
CA LYS A 306 0.06 30.97 26.60
C LYS A 306 1.30 30.41 25.91
N PRO A 307 2.26 31.28 25.55
CA PRO A 307 3.49 30.82 24.91
C PRO A 307 4.52 30.15 25.84
N ASP A 308 4.27 30.09 27.14
CA ASP A 308 5.10 29.30 28.07
C ASP A 308 4.40 28.00 28.50
N SER A 309 3.36 27.59 27.76
CA SER A 309 2.69 26.32 27.96
C SER A 309 3.35 25.23 27.13
N LYS A 310 3.23 23.99 27.60
CA LYS A 310 3.79 22.84 26.90
C LYS A 310 3.15 22.67 25.53
N ALA A 311 1.86 22.97 25.45
CA ALA A 311 1.12 22.97 24.18
C ALA A 311 1.80 23.83 23.13
N PHE A 312 2.14 25.06 23.50
CA PHE A 312 2.74 25.97 22.53
C PHE A 312 4.11 25.48 22.06
N HIS A 313 4.95 25.09 23.00
CA HIS A 313 6.29 24.62 22.65
C HIS A 313 6.24 23.39 21.74
N LEU A 314 5.26 22.51 21.94
CA LEU A 314 5.03 21.38 21.04
C LEU A 314 4.57 21.86 19.67
N LEU A 315 3.54 22.71 19.64
CA LEU A 315 3.02 23.29 18.39
C LEU A 315 4.16 23.87 17.56
N GLN A 316 4.95 24.75 18.19
CA GLN A 316 6.10 25.40 17.52
C GLN A 316 7.09 24.42 16.89
N LYS A 317 7.30 23.29 17.53
CA LYS A 317 8.17 22.23 17.01
C LYS A 317 7.57 21.54 15.78
N LEU A 318 6.27 21.28 15.81
CA LEU A 318 5.52 20.79 14.63
C LEU A 318 5.49 21.82 13.49
N LEU A 319 5.20 23.07 13.81
CA LEU A 319 5.19 24.14 12.80
C LEU A 319 6.58 24.78 12.68
N THR A 320 7.58 23.97 12.35
CA THR A 320 8.92 24.48 12.05
C THR A 320 9.02 24.57 10.54
N MET A 321 9.54 25.69 10.07
CA MET A 321 9.53 25.99 8.64
C MET A 321 10.47 25.07 7.87
N ASP A 322 11.70 24.89 8.36
CA ASP A 322 12.65 23.96 7.73
C ASP A 322 12.22 22.52 8.04
N PRO A 323 11.83 21.76 7.01
CA PRO A 323 11.40 20.38 7.31
C PRO A 323 12.45 19.46 7.96
N ILE A 324 13.75 19.71 7.78
CA ILE A 324 14.75 18.93 8.52
C ILE A 324 14.86 19.34 10.00
N LYS A 325 14.30 20.50 10.37
CA LYS A 325 14.17 20.96 11.77
C LYS A 325 12.80 20.68 12.40
N ARG A 326 11.93 19.98 11.67
CA ARG A 326 10.61 19.59 12.17
C ARG A 326 10.77 18.30 12.96
N ILE A 327 10.17 18.21 14.14
CA ILE A 327 10.25 16.97 14.89
C ILE A 327 9.39 15.89 14.24
N THR A 328 9.72 14.65 14.52
CA THR A 328 9.03 13.51 13.93
C THR A 328 7.84 13.18 14.81
N SER A 329 7.00 12.28 14.32
CA SER A 329 5.79 11.91 15.05
C SER A 329 6.13 11.19 16.35
N GLU A 330 7.18 10.36 16.31
CA GLU A 330 7.65 9.63 17.51
C GLU A 330 8.11 10.59 18.60
N GLN A 331 8.95 11.55 18.22
CA GLN A 331 9.45 12.57 19.15
C GLN A 331 8.31 13.45 19.70
N ALA A 332 7.27 13.67 18.90
CA ALA A 332 6.09 14.44 19.34
C ALA A 332 5.32 13.71 20.44
N MET A 333 5.15 12.39 20.27
CA MET A 333 4.52 11.54 21.27
C MET A 333 5.28 11.48 22.60
N GLN A 334 6.60 11.62 22.53
CA GLN A 334 7.42 11.68 23.73
C GLN A 334 7.42 13.04 24.43
N ASP A 335 6.75 14.05 23.83
CA ASP A 335 6.81 15.42 24.36
C ASP A 335 6.16 15.46 25.74
N PRO A 336 6.71 16.29 26.65
CA PRO A 336 6.19 16.28 28.01
C PRO A 336 4.77 16.84 28.16
N TYR A 337 4.28 17.55 27.15
CA TYR A 337 2.86 17.93 27.04
C TYR A 337 1.91 16.76 27.30
N PHE A 338 2.26 15.57 26.88
CA PHE A 338 1.38 14.41 27.09
C PHE A 338 1.56 13.78 28.46
N LEU A 339 2.58 14.23 29.21
CA LEU A 339 2.82 13.85 30.61
C LEU A 339 2.22 14.86 31.62
N GLU A 340 1.74 15.99 31.11
CA GLU A 340 1.16 17.08 31.92
C GLU A 340 -0.31 16.80 32.14
N ASP A 341 -0.80 17.07 33.35
CA ASP A 341 -2.23 17.04 33.63
C ASP A 341 -2.96 17.98 32.66
N PRO A 342 -4.02 17.49 31.96
CA PRO A 342 -4.65 16.16 31.96
C PRO A 342 -4.03 15.17 30.96
N LEU A 343 -4.05 13.89 31.27
CA LEU A 343 -3.55 12.85 30.37
C LEU A 343 -4.47 12.66 29.15
N PRO A 344 -3.88 12.25 28.00
CA PRO A 344 -4.70 11.87 26.88
C PRO A 344 -5.50 10.61 27.19
N THR A 345 -6.74 10.54 26.68
CA THR A 345 -7.64 9.41 26.97
C THR A 345 -8.02 8.75 25.66
N SER A 346 -8.26 7.45 25.72
CA SER A 346 -8.61 6.64 24.55
C SER A 346 -9.87 7.17 23.91
N ASP A 347 -10.90 7.35 24.74
CA ASP A 347 -12.10 8.08 24.38
C ASP A 347 -11.72 9.56 24.44
N VAL A 348 -11.77 10.20 23.28
CA VAL A 348 -11.49 11.63 23.11
C VAL A 348 -12.53 12.49 23.84
N PHE A 349 -13.76 11.97 23.96
CA PHE A 349 -14.87 12.67 24.66
C PHE A 349 -14.89 12.44 26.18
N ALA A 350 -13.95 11.62 26.68
CA ALA A 350 -13.64 11.50 28.11
C ALA A 350 -14.80 11.02 28.97
N GLY A 351 -15.68 10.19 28.39
CA GLY A 351 -16.91 9.76 29.06
C GLY A 351 -18.06 10.77 29.09
N CYS A 352 -17.82 12.00 28.64
CA CYS A 352 -18.85 13.06 28.59
C CYS A 352 -19.76 12.84 27.38
N GLN A 353 -21.01 13.33 27.48
CA GLN A 353 -21.99 13.21 26.40
C GLN A 353 -21.49 13.95 25.14
N ILE A 354 -21.65 13.32 23.97
CA ILE A 354 -21.27 13.90 22.68
C ILE A 354 -22.36 14.89 22.24
N PRO A 355 -22.06 16.20 22.24
CA PRO A 355 -23.06 17.17 21.81
C PRO A 355 -23.12 17.35 20.28
N TYR A 356 -22.15 16.78 19.55
CA TYR A 356 -21.97 17.04 18.12
C TYR A 356 -23.01 16.28 17.31
N PRO A 357 -23.66 16.95 16.34
CA PRO A 357 -24.71 16.26 15.57
C PRO A 357 -24.19 15.15 14.64
N LYS A 358 -25.04 14.14 14.44
CA LYS A 358 -24.77 13.03 13.53
C LYS A 358 -24.72 13.52 12.08
N ARG A 359 -23.95 12.83 11.24
CA ARG A 359 -23.69 13.25 9.85
C ARG A 359 -24.96 13.47 9.04
N GLU A 360 -24.97 14.53 8.24
CA GLU A 360 -26.03 14.77 7.27
C GLU A 360 -25.74 13.99 5.99
N PHE A 361 -26.79 13.44 5.38
CA PHE A 361 -26.69 12.77 4.08
C PHE A 361 -26.56 13.79 2.94
N LEU A 362 -25.86 13.40 1.87
CA LEU A 362 -25.73 14.20 0.65
C LEU A 362 -26.53 13.59 -0.51
N ASP B 1 12.41 4.09 1.55
CA ASP B 1 12.14 2.63 1.74
C ASP B 1 10.71 2.29 1.31
N LYS B 2 10.49 1.04 0.90
CA LYS B 2 9.20 0.62 0.34
C LYS B 2 8.14 0.43 1.43
N ALA B 3 6.87 0.62 1.04
CA ALA B 3 5.71 0.44 1.91
C ALA B 3 5.66 -0.95 2.61
N MET B 4 5.47 -0.94 3.93
CA MET B 4 5.33 -2.15 4.76
C MET B 4 6.59 -3.03 4.87
N ALA B 5 7.76 -2.42 4.66
CA ALA B 5 9.04 -3.13 4.63
C ALA B 5 9.32 -4.00 5.88
N GLY B 6 9.05 -3.47 7.06
CA GLY B 6 9.29 -4.19 8.31
C GLY B 6 8.09 -4.93 8.88
N ASN B 7 7.04 -5.11 8.09
CA ASN B 7 5.78 -5.64 8.60
C ASN B 7 5.52 -7.12 8.29
N PHE B 8 6.54 -7.87 7.88
CA PHE B 8 6.32 -9.24 7.40
C PHE B 8 5.53 -10.11 8.38
N TRP B 9 5.92 -10.11 9.65
CA TRP B 9 5.32 -11.02 10.64
C TRP B 9 3.83 -10.75 10.93
N GLN B 10 3.38 -9.54 10.65
CA GLN B 10 1.95 -9.17 10.74
C GLN B 10 1.27 -9.05 9.36
N SER B 11 1.99 -9.40 8.28
CA SER B 11 1.50 -9.20 6.92
C SER B 11 0.49 -10.26 6.47
N SER B 12 -0.20 -9.98 5.36
CA SER B 12 -1.12 -10.94 4.76
C SER B 12 -0.37 -12.07 4.02
N HIS B 13 0.80 -11.75 3.47
CA HIS B 13 1.72 -12.78 2.94
C HIS B 13 1.92 -13.85 4.01
N TYR B 14 2.47 -13.48 5.16
CA TYR B 14 2.81 -14.44 6.23
C TYR B 14 1.58 -15.10 6.87
N LEU B 15 0.57 -14.32 7.20
CA LEU B 15 -0.61 -14.85 7.88
C LEU B 15 -1.51 -15.72 6.99
N GLN B 16 -1.54 -15.47 5.67
CA GLN B 16 -2.45 -16.19 4.75
C GLN B 16 -1.81 -16.93 3.59
N TRP B 17 -0.64 -16.48 3.11
CA TRP B 17 -0.04 -17.00 1.87
C TRP B 17 1.33 -17.70 2.03
N ILE B 18 1.67 -18.12 3.25
CA ILE B 18 2.64 -19.20 3.46
C ILE B 18 1.83 -20.48 3.66
N LEU B 19 1.77 -21.31 2.62
CA LEU B 19 0.92 -22.49 2.57
C LEU B 19 1.63 -23.72 3.13
N ASP B 20 0.84 -24.69 3.60
CA ASP B 20 1.34 -26.00 3.98
C ASP B 20 1.55 -26.83 2.70
N LYS B 21 2.67 -27.55 2.66
CA LYS B 21 3.03 -28.44 1.53
C LYS B 21 1.99 -29.57 1.34
N GLN B 22 1.50 -30.12 2.44
CA GLN B 22 0.41 -31.12 2.40
C GLN B 22 -0.83 -30.58 1.67
N ASP B 23 -1.26 -29.36 2.04
CA ASP B 23 -2.43 -28.70 1.42
C ASP B 23 -2.20 -28.40 -0.06
N LEU B 24 -0.97 -28.04 -0.41
CA LEU B 24 -0.58 -27.72 -1.78
C LEU B 24 -0.69 -28.94 -2.69
N LEU B 25 -0.01 -30.02 -2.31
CA LEU B 25 0.03 -31.23 -3.12
C LEU B 25 -1.32 -31.93 -3.22
N LYS B 26 -2.18 -31.78 -2.22
CA LYS B 26 -3.54 -32.36 -2.29
C LYS B 26 -4.41 -31.67 -3.35
N GLU B 27 -4.32 -30.34 -3.45
CA GLU B 27 -5.04 -29.58 -4.49
C GLU B 27 -4.42 -29.73 -5.89
N ARG B 28 -3.15 -30.11 -5.94
CA ARG B 28 -2.45 -30.36 -7.20
C ARG B 28 -2.88 -31.66 -7.88
N GLN B 29 -3.32 -32.63 -7.08
CA GLN B 29 -3.79 -33.93 -7.59
C GLN B 29 -4.90 -33.82 -8.65
N LYS B 30 -5.64 -32.70 -8.64
CA LYS B 30 -6.60 -32.35 -9.71
C LYS B 30 -5.92 -32.35 -11.07
N ASP B 31 -4.86 -31.57 -11.20
CA ASP B 31 -4.08 -31.48 -12.44
C ASP B 31 -3.20 -32.70 -12.71
N LEU B 32 -2.85 -33.46 -11.67
CA LEU B 32 -2.05 -34.69 -11.84
C LEU B 32 -2.79 -35.88 -12.49
N LYS B 33 -4.10 -35.73 -12.72
CA LYS B 33 -4.87 -36.68 -13.55
C LYS B 33 -4.46 -36.60 -15.04
N PHE B 34 -4.01 -35.41 -15.46
CA PHE B 34 -3.64 -35.14 -16.85
C PHE B 34 -2.12 -35.09 -17.03
N LEU B 35 -1.47 -34.30 -16.19
CA LEU B 35 -0.01 -34.14 -16.19
C LEU B 35 0.65 -35.00 -15.12
N SER B 36 1.90 -35.40 -15.35
CA SER B 36 2.70 -36.06 -14.30
C SER B 36 3.29 -35.00 -13.38
N GLU B 37 3.88 -35.43 -12.26
CA GLU B 37 4.60 -34.52 -11.34
C GLU B 37 5.69 -33.80 -12.09
N GLU B 38 6.45 -34.55 -12.88
CA GLU B 38 7.55 -34.00 -13.69
C GLU B 38 7.07 -32.94 -14.68
N GLU B 39 5.92 -33.20 -15.31
CA GLU B 39 5.34 -32.26 -16.25
C GLU B 39 4.76 -31.02 -15.56
N TYR B 40 4.18 -31.22 -14.39
CA TYR B 40 3.69 -30.09 -13.62
C TYR B 40 4.82 -29.13 -13.26
N TRP B 41 5.97 -29.61 -12.75
CA TRP B 41 7.09 -28.67 -12.43
C TRP B 41 7.67 -28.03 -13.68
N LYS B 42 7.78 -28.80 -14.76
CA LYS B 42 8.17 -28.28 -16.08
C LYS B 42 7.27 -27.14 -16.57
N LEU B 43 5.96 -27.26 -16.37
CA LEU B 43 5.02 -26.17 -16.70
C LEU B 43 5.26 -24.95 -15.85
N GLN B 44 5.46 -25.16 -14.54
CA GLN B 44 5.76 -24.03 -13.64
C GLN B 44 7.04 -23.29 -14.08
N ILE B 45 8.05 -24.03 -14.54
CA ILE B 45 9.27 -23.40 -15.04
C ILE B 45 8.97 -22.57 -16.27
N PHE B 46 8.28 -23.17 -17.23
CA PHE B 46 7.88 -22.48 -18.45
C PHE B 46 7.23 -21.12 -18.16
N PHE B 47 6.18 -21.13 -17.33
CA PHE B 47 5.41 -19.91 -17.07
C PHE B 47 6.11 -18.88 -16.19
N THR B 48 7.05 -19.33 -15.37
CA THR B 48 7.99 -18.41 -14.74
C THR B 48 8.85 -17.71 -15.79
N ASN B 49 9.33 -18.46 -16.78
CA ASN B 49 10.11 -17.85 -17.86
C ASN B 49 9.27 -16.89 -18.73
N VAL B 50 7.98 -17.20 -18.90
CA VAL B 50 7.08 -16.33 -19.66
C VAL B 50 6.84 -15.01 -18.92
N ILE B 51 6.56 -15.08 -17.61
CA ILE B 51 6.37 -13.87 -16.80
C ILE B 51 7.64 -13.02 -16.71
N GLN B 52 8.82 -13.65 -16.72
CA GLN B 52 10.12 -12.94 -16.71
C GLN B 52 10.33 -12.21 -18.05
N ALA B 53 10.04 -12.94 -19.14
CA ALA B 53 10.13 -12.41 -20.48
C ALA B 53 9.23 -11.17 -20.68
N LEU B 54 7.99 -11.25 -20.16
CA LEU B 54 7.04 -10.13 -20.24
C LEU B 54 7.52 -8.92 -19.44
N GLY B 55 8.00 -9.17 -18.22
CA GLY B 55 8.56 -8.11 -17.39
C GLY B 55 9.77 -7.43 -18.02
N GLU B 56 10.69 -8.23 -18.55
CA GLU B 56 11.87 -7.70 -19.22
C GLU B 56 11.51 -6.84 -20.44
N HIS B 57 10.40 -7.18 -21.10
CA HIS B 57 9.94 -6.46 -22.29
C HIS B 57 9.32 -5.12 -21.93
N LEU B 58 8.50 -5.12 -20.87
CA LEU B 58 7.90 -3.90 -20.31
C LEU B 58 8.87 -3.10 -19.45
N LYS B 59 10.09 -3.59 -19.29
CA LYS B 59 11.16 -2.89 -18.54
C LYS B 59 10.77 -2.65 -17.07
N LEU B 60 10.09 -3.62 -16.48
CA LEU B 60 9.75 -3.58 -15.06
C LEU B 60 10.92 -4.12 -14.23
N ARG B 61 10.95 -3.74 -12.95
CA ARG B 61 12.01 -4.15 -12.04
C ARG B 61 11.77 -5.58 -11.61
N GLN B 62 12.85 -6.27 -11.21
CA GLN B 62 12.79 -7.67 -10.81
C GLN B 62 11.78 -7.94 -9.73
N GLN B 63 11.61 -6.98 -8.83
CA GLN B 63 10.72 -7.14 -7.70
C GLN B 63 9.24 -7.15 -8.15
N VAL B 64 8.91 -6.37 -9.19
CA VAL B 64 7.57 -6.36 -9.78
C VAL B 64 7.31 -7.65 -10.54
N ILE B 65 8.33 -8.13 -11.25
CA ILE B 65 8.23 -9.42 -11.93
C ILE B 65 8.00 -10.54 -10.90
N ALA B 66 8.63 -10.43 -9.73
CA ALA B 66 8.46 -11.42 -8.66
C ALA B 66 7.04 -11.43 -8.15
N THR B 67 6.55 -10.25 -7.77
CA THR B 67 5.17 -10.10 -7.30
C THR B 67 4.20 -10.70 -8.31
N ALA B 68 4.42 -10.43 -9.59
CA ALA B 68 3.60 -11.02 -10.66
C ALA B 68 3.74 -12.54 -10.67
N THR B 69 4.98 -13.03 -10.61
CA THR B 69 5.21 -14.48 -10.53
C THR B 69 4.48 -15.14 -9.36
N VAL B 70 4.47 -14.50 -8.18
CA VAL B 70 3.77 -15.04 -6.99
C VAL B 70 2.26 -15.05 -7.16
N TYR B 71 1.69 -13.94 -7.64
CA TYR B 71 0.24 -13.87 -7.96
C TYR B 71 -0.23 -15.07 -8.79
N PHE B 72 0.56 -15.40 -9.82
CA PHE B 72 0.36 -16.56 -10.67
C PHE B 72 0.38 -17.86 -9.88
N LYS B 73 1.38 -18.03 -9.03
CA LYS B 73 1.54 -19.27 -8.24
C LYS B 73 0.39 -19.43 -7.26
N ARG B 74 0.04 -18.34 -6.59
CA ARG B 74 -1.09 -18.32 -5.66
C ARG B 74 -2.37 -18.78 -6.32
N PHE B 75 -2.61 -18.29 -7.54
CA PHE B 75 -3.83 -18.66 -8.28
C PHE B 75 -3.87 -20.16 -8.55
N TYR B 76 -2.83 -20.68 -9.18
CA TYR B 76 -2.78 -22.11 -9.53
C TYR B 76 -2.42 -23.06 -8.36
N ALA B 77 -2.01 -22.50 -7.22
CA ALA B 77 -1.97 -23.23 -5.95
C ALA B 77 -3.34 -23.77 -5.55
N ARG B 78 -4.36 -22.91 -5.68
CA ARG B 78 -5.74 -23.25 -5.34
C ARG B 78 -6.48 -23.87 -6.51
N TYR B 79 -6.32 -23.30 -7.71
CA TYR B 79 -7.13 -23.70 -8.87
C TYR B 79 -6.37 -24.45 -9.93
N SER B 80 -7.13 -25.16 -10.76
CA SER B 80 -6.57 -25.95 -11.84
C SER B 80 -6.12 -25.05 -12.97
N LEU B 81 -5.23 -25.59 -13.81
CA LEU B 81 -4.80 -24.93 -15.03
C LEU B 81 -5.94 -24.81 -16.05
N LYS B 82 -6.98 -25.64 -15.93
CA LYS B 82 -8.17 -25.54 -16.79
C LYS B 82 -9.04 -24.34 -16.49
N SER B 83 -8.90 -23.76 -15.29
CA SER B 83 -9.88 -22.81 -14.77
C SER B 83 -9.79 -21.48 -15.51
N ILE B 84 -8.56 -20.97 -15.64
CA ILE B 84 -8.25 -19.84 -16.54
C ILE B 84 -6.95 -20.15 -17.29
N ASP B 85 -6.97 -19.98 -18.61
CA ASP B 85 -5.81 -20.24 -19.45
C ASP B 85 -4.59 -19.50 -18.89
N PRO B 86 -3.52 -20.22 -18.54
CA PRO B 86 -2.32 -19.54 -18.03
C PRO B 86 -1.65 -18.57 -19.01
N VAL B 87 -1.92 -18.70 -20.30
CA VAL B 87 -1.50 -17.67 -21.27
C VAL B 87 -2.21 -16.31 -21.04
N LEU B 88 -3.43 -16.33 -20.50
CA LEU B 88 -4.12 -15.08 -20.13
C LEU B 88 -3.70 -14.58 -18.76
N MET B 89 -3.51 -15.51 -17.82
CA MET B 89 -3.18 -15.18 -16.42
C MET B 89 -1.81 -14.53 -16.27
N ALA B 90 -0.81 -15.02 -17.01
CA ALA B 90 0.57 -14.52 -16.91
C ALA B 90 0.70 -12.99 -17.08
N PRO B 91 0.24 -12.43 -18.23
CA PRO B 91 0.28 -10.98 -18.41
C PRO B 91 -0.69 -10.20 -17.51
N THR B 92 -1.83 -10.80 -17.17
CA THR B 92 -2.75 -10.21 -16.20
C THR B 92 -2.07 -10.05 -14.83
N CYS B 93 -1.26 -11.02 -14.45
CA CYS B 93 -0.46 -10.95 -13.23
C CYS B 93 0.59 -9.85 -13.30
N VAL B 94 1.26 -9.74 -14.45
CA VAL B 94 2.24 -8.66 -14.67
C VAL B 94 1.56 -7.29 -14.59
N PHE B 95 0.38 -7.20 -15.20
CA PHE B 95 -0.41 -5.98 -15.24
C PHE B 95 -0.86 -5.52 -13.85
N LEU B 96 -1.40 -6.43 -13.05
CA LEU B 96 -1.85 -6.08 -11.69
C LEU B 96 -0.69 -5.67 -10.76
N ALA B 97 0.42 -6.41 -10.84
CA ALA B 97 1.62 -6.13 -10.04
C ALA B 97 2.26 -4.77 -10.34
N SER B 98 2.26 -4.39 -11.62
CA SER B 98 2.79 -3.08 -12.02
C SER B 98 1.99 -1.93 -11.42
N LYS B 99 0.67 -2.12 -11.28
CA LYS B 99 -0.21 -1.11 -10.72
C LYS B 99 -0.12 -0.96 -9.19
N VAL B 100 0.42 -1.98 -8.52
CA VAL B 100 0.67 -1.90 -7.08
C VAL B 100 1.75 -0.85 -6.74
N GLU B 101 2.66 -0.59 -7.69
CA GLU B 101 3.67 0.49 -7.57
C GLU B 101 3.08 1.80 -8.07
N GLU B 102 3.42 2.90 -7.38
CA GLU B 102 3.02 4.25 -7.81
C GLU B 102 4.02 4.93 -8.77
N PHE B 103 5.15 4.28 -9.07
CA PHE B 103 6.13 4.80 -10.03
C PHE B 103 5.86 4.15 -11.40
N GLY B 104 5.32 4.96 -12.32
CA GLY B 104 5.06 4.53 -13.71
C GLY B 104 3.83 3.68 -13.91
N VAL B 105 3.20 3.82 -15.08
CA VAL B 105 1.95 3.11 -15.43
C VAL B 105 2.08 2.32 -16.75
N VAL B 106 1.80 1.01 -16.69
CA VAL B 106 1.76 0.14 -17.87
C VAL B 106 0.40 0.32 -18.53
N SER B 107 0.38 0.73 -19.80
CA SER B 107 -0.87 1.01 -20.53
C SER B 107 -1.46 -0.20 -21.23
N ASN B 108 -2.72 -0.08 -21.63
CA ASN B 108 -3.47 -1.15 -22.27
C ASN B 108 -2.79 -1.67 -23.54
N THR B 109 -2.71 -0.82 -24.56
CA THR B 109 -2.07 -1.18 -25.84
C THR B 109 -0.66 -1.76 -25.65
N ARG B 110 0.08 -1.20 -24.70
CA ARG B 110 1.44 -1.64 -24.38
C ARG B 110 1.50 -3.01 -23.67
N LEU B 111 0.46 -3.36 -22.90
CA LEU B 111 0.34 -4.72 -22.35
C LEU B 111 0.11 -5.76 -23.45
N ILE B 112 -0.85 -5.48 -24.35
CA ILE B 112 -1.24 -6.44 -25.40
C ILE B 112 -0.09 -6.64 -26.39
N ALA B 113 0.55 -5.54 -26.78
CA ALA B 113 1.76 -5.58 -27.62
C ALA B 113 2.90 -6.39 -26.99
N ALA B 114 3.09 -6.27 -25.68
CA ALA B 114 4.12 -7.02 -24.96
C ALA B 114 3.84 -8.53 -24.93
N ALA B 115 2.61 -8.91 -24.58
CA ALA B 115 2.20 -10.32 -24.61
C ALA B 115 2.40 -10.88 -26.02
N THR B 116 1.81 -10.20 -26.99
CA THR B 116 1.89 -10.59 -28.39
C THR B 116 3.34 -10.79 -28.88
N SER B 117 4.20 -9.80 -28.58
CA SER B 117 5.58 -9.80 -29.07
C SER B 117 6.40 -10.92 -28.43
N VAL B 118 6.24 -11.06 -27.11
CA VAL B 118 7.02 -12.04 -26.36
C VAL B 118 6.67 -13.49 -26.75
N LEU B 119 5.39 -13.82 -26.84
CA LEU B 119 5.02 -15.18 -27.27
C LEU B 119 5.52 -15.48 -28.68
N LYS B 120 5.45 -14.49 -29.58
CA LYS B 120 5.85 -14.67 -30.99
C LYS B 120 7.36 -14.81 -31.21
N THR B 121 8.17 -14.03 -30.49
CA THR B 121 9.60 -13.97 -30.75
C THR B 121 10.40 -14.88 -29.83
N ARG B 122 9.99 -14.96 -28.56
CA ARG B 122 10.68 -15.75 -27.55
C ARG B 122 10.09 -17.13 -27.23
N PHE B 123 8.80 -17.36 -27.51
CA PHE B 123 8.15 -18.66 -27.21
C PHE B 123 7.42 -19.33 -28.38
N SER B 124 7.88 -19.12 -29.61
CA SER B 124 7.21 -19.68 -30.79
C SER B 124 7.31 -21.21 -30.89
N TYR B 125 8.24 -21.79 -30.15
CA TYR B 125 8.32 -23.26 -30.00
C TYR B 125 7.14 -23.88 -29.28
N ALA B 126 6.53 -23.12 -28.36
CA ALA B 126 5.35 -23.54 -27.59
C ALA B 126 4.05 -23.09 -28.25
N PHE B 127 4.01 -21.85 -28.74
CA PHE B 127 2.79 -21.24 -29.29
C PHE B 127 2.90 -20.96 -30.79
N PRO B 128 2.23 -21.77 -31.64
CA PRO B 128 2.20 -21.47 -33.07
C PRO B 128 1.29 -20.29 -33.43
N LYS B 129 0.12 -20.23 -32.81
CA LYS B 129 -0.85 -19.16 -33.04
C LYS B 129 -0.50 -17.87 -32.26
N GLU B 130 -0.94 -16.74 -32.79
CA GLU B 130 -0.79 -15.42 -32.17
C GLU B 130 -1.48 -15.37 -30.79
N PHE B 131 -0.99 -14.50 -29.91
CA PHE B 131 -1.67 -14.22 -28.64
C PHE B 131 -3.11 -13.84 -28.96
N PRO B 132 -4.09 -14.65 -28.53
CA PRO B 132 -5.48 -14.46 -28.95
C PRO B 132 -6.32 -13.50 -28.10
N TYR B 133 -5.85 -13.16 -26.89
CA TYR B 133 -6.63 -12.35 -25.96
C TYR B 133 -6.41 -10.87 -26.18
N ARG B 134 -7.41 -10.11 -25.76
CA ARG B 134 -7.46 -8.66 -25.89
C ARG B 134 -7.70 -8.10 -24.49
N MET B 135 -7.79 -6.78 -24.37
CA MET B 135 -7.76 -6.12 -23.06
C MET B 135 -8.99 -6.43 -22.20
N ASN B 136 -10.15 -6.56 -22.84
CA ASN B 136 -11.35 -6.99 -22.11
C ASN B 136 -11.13 -8.34 -21.38
N HIS B 137 -10.38 -9.23 -22.01
CA HIS B 137 -10.04 -10.53 -21.41
C HIS B 137 -9.08 -10.38 -20.23
N ILE B 138 -8.12 -9.47 -20.36
CA ILE B 138 -7.19 -9.15 -19.26
C ILE B 138 -7.98 -8.56 -18.09
N LEU B 139 -8.78 -7.54 -18.37
CA LEU B 139 -9.56 -6.89 -17.32
C LEU B 139 -10.51 -7.87 -16.60
N GLU B 140 -11.15 -8.79 -17.32
CA GLU B 140 -11.96 -9.81 -16.66
C GLU B 140 -11.10 -10.71 -15.75
N CYS B 141 -10.00 -11.20 -16.29
CA CYS B 141 -9.05 -12.04 -15.52
C CYS B 141 -8.56 -11.35 -14.24
N GLU B 142 -8.17 -10.09 -14.36
CA GLU B 142 -7.75 -9.26 -13.23
C GLU B 142 -8.71 -9.36 -12.05
N PHE B 143 -10.02 -9.38 -12.33
CA PHE B 143 -11.04 -9.47 -11.28
C PHE B 143 -11.05 -10.81 -10.57
N TYR B 144 -10.99 -11.90 -11.34
CA TYR B 144 -10.90 -13.25 -10.75
C TYR B 144 -9.62 -13.43 -9.92
N LEU B 145 -8.50 -12.93 -10.44
CA LEU B 145 -7.19 -13.02 -9.77
C LEU B 145 -7.22 -12.31 -8.43
N LEU B 146 -7.71 -11.08 -8.47
CA LEU B 146 -7.89 -10.25 -7.27
C LEU B 146 -8.83 -10.89 -6.23
N GLU B 147 -9.87 -11.59 -6.69
CA GLU B 147 -10.81 -12.26 -5.79
C GLU B 147 -10.12 -13.40 -5.06
N LEU B 148 -9.45 -14.28 -5.80
CA LEU B 148 -8.79 -15.46 -5.20
C LEU B 148 -7.73 -15.08 -4.19
N MET B 149 -6.90 -14.11 -4.53
CA MET B 149 -5.85 -13.64 -3.62
C MET B 149 -6.39 -12.87 -2.40
N ASP B 150 -7.71 -12.76 -2.27
CA ASP B 150 -8.35 -12.07 -1.13
C ASP B 150 -7.82 -10.63 -0.98
N CYS B 151 -7.59 -10.00 -2.14
CA CYS B 151 -7.01 -8.66 -2.26
C CYS B 151 -5.67 -8.49 -1.55
N CYS B 152 -4.92 -9.58 -1.40
CA CYS B 152 -3.58 -9.53 -0.85
C CYS B 152 -2.61 -9.26 -2.00
N LEU B 153 -2.18 -8.00 -2.12
CA LEU B 153 -1.37 -7.53 -3.23
C LEU B 153 0.12 -7.34 -2.87
N ILE B 154 0.38 -6.79 -1.68
CA ILE B 154 1.75 -6.56 -1.21
C ILE B 154 2.42 -7.90 -0.93
N VAL B 155 3.58 -8.10 -1.56
CA VAL B 155 4.31 -9.36 -1.51
C VAL B 155 5.79 -9.10 -1.20
N TYR B 156 6.33 -9.91 -0.30
CA TYR B 156 7.71 -9.79 0.15
C TYR B 156 8.55 -10.82 -0.60
N HIS B 157 9.76 -10.43 -0.98
CA HIS B 157 10.63 -11.26 -1.79
C HIS B 157 12.03 -11.37 -1.14
N PRO B 158 12.85 -12.37 -1.55
CA PRO B 158 14.20 -12.52 -0.97
C PRO B 158 15.23 -11.45 -1.31
N TYR B 159 14.95 -10.57 -2.26
CA TYR B 159 15.93 -9.59 -2.74
C TYR B 159 16.36 -8.63 -1.64
N ARG B 160 15.37 -7.99 -1.00
CA ARG B 160 15.63 -7.02 0.08
C ARG B 160 16.54 -7.62 1.17
N PRO B 161 16.13 -8.74 1.82
CA PRO B 161 16.98 -9.34 2.84
C PRO B 161 18.31 -9.87 2.34
N LEU B 162 18.34 -10.41 1.11
CA LEU B 162 19.60 -10.87 0.49
C LEU B 162 20.62 -9.76 0.53
N LEU B 163 20.20 -8.61 0.01
CA LEU B 163 21.03 -7.41 -0.04
C LEU B 163 21.62 -7.06 1.32
N GLN B 164 20.82 -7.15 2.37
CA GLN B 164 21.27 -6.87 3.74
C GLN B 164 22.35 -7.84 4.21
N TYR B 165 22.19 -9.13 3.89
CA TYR B 165 23.16 -10.15 4.29
C TYR B 165 24.50 -9.97 3.60
N VAL B 166 24.52 -9.82 2.27
CA VAL B 166 25.80 -9.60 1.55
C VAL B 166 26.54 -8.33 2.00
N GLN B 167 25.78 -7.27 2.26
CA GLN B 167 26.35 -6.06 2.89
C GLN B 167 26.89 -6.33 4.30
N ASP B 168 26.24 -7.22 5.04
CA ASP B 168 26.69 -7.64 6.39
C ASP B 168 28.03 -8.41 6.34
N MET B 169 28.18 -9.31 5.37
CA MET B 169 29.45 -10.03 5.15
C MET B 169 30.57 -9.14 4.63
N GLY B 170 30.20 -8.05 3.96
CA GLY B 170 31.16 -7.20 3.27
C GLY B 170 31.64 -7.87 2.00
N GLN B 171 30.75 -8.61 1.34
CA GLN B 171 31.09 -9.37 0.14
C GLN B 171 30.02 -9.15 -0.94
N GLU B 172 29.68 -7.89 -1.18
CA GLU B 172 28.69 -7.50 -2.19
C GLU B 172 29.24 -7.67 -3.62
N ASP B 173 30.52 -7.38 -3.82
CA ASP B 173 31.20 -7.55 -5.10
C ASP B 173 31.25 -9.01 -5.53
N MET B 174 31.72 -9.87 -4.63
CA MET B 174 31.92 -11.29 -4.93
C MET B 174 30.62 -12.07 -5.13
N LEU B 175 29.70 -11.95 -4.17
CA LEU B 175 28.55 -12.87 -4.01
C LEU B 175 27.16 -12.39 -4.46
N LEU B 176 26.96 -11.07 -4.58
CA LEU B 176 25.61 -10.54 -4.83
C LEU B 176 25.05 -10.87 -6.22
N PRO B 177 25.86 -10.70 -7.28
CA PRO B 177 25.34 -11.09 -8.60
C PRO B 177 24.86 -12.56 -8.65
N LEU B 178 25.67 -13.48 -8.11
CA LEU B 178 25.31 -14.90 -8.12
C LEU B 178 24.10 -15.21 -7.22
N ALA B 179 24.16 -14.79 -5.96
CA ALA B 179 23.03 -14.97 -5.01
C ALA B 179 21.70 -14.42 -5.58
N TRP B 180 21.78 -13.24 -6.20
CA TRP B 180 20.61 -12.61 -6.81
C TRP B 180 19.98 -13.50 -7.88
N ARG B 181 20.80 -14.04 -8.80
CA ARG B 181 20.25 -14.90 -9.87
C ARG B 181 19.64 -16.20 -9.34
N ILE B 182 20.24 -16.75 -8.27
CA ILE B 182 19.72 -17.95 -7.62
C ILE B 182 18.35 -17.64 -6.99
N VAL B 183 18.22 -16.49 -6.35
CA VAL B 183 16.90 -16.03 -5.90
C VAL B 183 15.91 -16.01 -7.07
N ASN B 184 16.29 -15.46 -8.22
CA ASN B 184 15.42 -15.54 -9.42
C ASN B 184 15.09 -16.99 -9.77
N ASP B 185 16.09 -17.86 -9.73
CA ASP B 185 15.89 -19.28 -10.02
C ASP B 185 14.96 -19.99 -9.05
N THR B 186 14.92 -19.54 -7.79
CA THR B 186 14.01 -20.16 -6.81
C THR B 186 12.54 -19.99 -7.20
N TYR B 187 12.23 -18.93 -7.95
CA TYR B 187 10.86 -18.72 -8.45
C TYR B 187 10.41 -19.77 -9.45
N ARG B 188 11.34 -20.59 -9.95
CA ARG B 188 10.99 -21.78 -10.73
C ARG B 188 10.38 -22.91 -9.89
N THR B 189 10.43 -22.80 -8.55
CA THR B 189 9.93 -23.81 -7.64
C THR B 189 8.83 -23.23 -6.74
N ASP B 190 8.31 -24.05 -5.82
CA ASP B 190 7.26 -23.64 -4.86
C ASP B 190 7.79 -22.90 -3.61
N LEU B 191 9.09 -22.57 -3.57
CA LEU B 191 9.72 -22.12 -2.32
C LEU B 191 9.00 -20.90 -1.74
N CYS B 192 8.65 -19.96 -2.60
CA CYS B 192 7.99 -18.71 -2.18
C CYS B 192 6.59 -18.88 -1.54
N LEU B 193 5.93 -20.02 -1.78
CA LEU B 193 4.68 -20.37 -1.08
C LEU B 193 4.88 -21.12 0.25
N LEU B 194 6.10 -21.58 0.49
CA LEU B 194 6.39 -22.49 1.60
C LEU B 194 7.28 -21.92 2.71
N TYR B 195 8.19 -21.00 2.36
CA TYR B 195 9.09 -20.40 3.36
C TYR B 195 9.00 -18.88 3.35
N PRO B 196 9.35 -18.22 4.48
CA PRO B 196 9.47 -16.76 4.44
C PRO B 196 10.63 -16.34 3.53
N PRO B 197 10.55 -15.13 2.95
CA PRO B 197 11.60 -14.66 2.04
C PRO B 197 13.04 -14.68 2.57
N PHE B 198 13.23 -14.31 3.82
CA PHE B 198 14.59 -14.20 4.37
C PHE B 198 15.31 -15.56 4.42
N MET B 199 14.57 -16.64 4.69
CA MET B 199 15.14 -18.00 4.73
C MET B 199 15.57 -18.44 3.32
N ILE B 200 14.80 -18.05 2.31
CA ILE B 200 15.16 -18.32 0.91
C ILE B 200 16.44 -17.57 0.53
N ALA B 201 16.54 -16.33 0.99
CA ALA B 201 17.71 -15.47 0.74
C ALA B 201 18.98 -16.07 1.34
N LEU B 202 18.88 -16.52 2.59
CA LEU B 202 19.98 -17.21 3.26
C LEU B 202 20.44 -18.45 2.48
N ALA B 203 19.50 -19.30 2.09
CA ALA B 203 19.76 -20.51 1.29
C ALA B 203 20.46 -20.17 -0.02
N CYS B 204 19.96 -19.15 -0.69
CA CYS B 204 20.57 -18.69 -1.94
C CYS B 204 22.01 -18.27 -1.73
N LEU B 205 22.24 -17.53 -0.64
CA LEU B 205 23.55 -17.01 -0.34
C LEU B 205 24.54 -18.13 0.04
N HIS B 206 24.03 -19.19 0.67
CA HIS B 206 24.84 -20.35 0.98
C HIS B 206 25.29 -21.06 -0.31
N VAL B 207 24.37 -21.26 -1.25
CA VAL B 207 24.69 -21.90 -2.53
C VAL B 207 25.72 -21.05 -3.30
N ALA B 208 25.55 -19.74 -3.23
CA ALA B 208 26.49 -18.79 -3.84
C ALA B 208 27.91 -18.96 -3.28
N CYS B 209 28.01 -19.08 -1.95
CA CYS B 209 29.30 -19.27 -1.28
C CYS B 209 29.96 -20.61 -1.63
N VAL B 210 29.17 -21.67 -1.72
CA VAL B 210 29.65 -23.01 -2.06
C VAL B 210 30.14 -23.06 -3.51
N VAL B 211 29.37 -22.45 -4.41
CA VAL B 211 29.74 -22.35 -5.82
C VAL B 211 31.03 -21.54 -5.99
N GLN B 212 31.11 -20.39 -5.31
CA GLN B 212 32.30 -19.52 -5.40
C GLN B 212 33.43 -19.85 -4.42
N GLN B 213 33.24 -20.88 -3.59
CA GLN B 213 34.26 -21.39 -2.66
C GLN B 213 34.77 -20.38 -1.59
N LYS B 214 33.86 -19.53 -1.10
CA LYS B 214 34.13 -18.68 0.07
C LYS B 214 33.61 -19.39 1.32
N ASP B 215 34.42 -19.37 2.37
CA ASP B 215 34.10 -19.99 3.65
C ASP B 215 33.22 -19.03 4.46
N ALA B 216 31.91 -19.31 4.50
CA ALA B 216 30.93 -18.48 5.18
C ALA B 216 30.39 -19.10 6.49
N ARG B 217 30.95 -20.24 6.90
CA ARG B 217 30.46 -21.02 8.06
C ARG B 217 30.39 -20.24 9.38
N GLN B 218 31.41 -19.42 9.63
CA GLN B 218 31.47 -18.59 10.83
C GLN B 218 30.41 -17.48 10.79
N TRP B 219 30.09 -16.97 9.60
CA TRP B 219 29.00 -16.00 9.44
C TRP B 219 27.65 -16.69 9.63
N PHE B 220 27.44 -17.80 8.94
CA PHE B 220 26.19 -18.58 9.03
C PHE B 220 25.93 -19.09 10.47
N ALA B 221 26.98 -19.53 11.16
CA ALA B 221 26.88 -19.92 12.58
C ALA B 221 26.35 -18.77 13.44
N GLU B 222 26.87 -17.56 13.20
CA GLU B 222 26.46 -16.35 13.93
C GLU B 222 25.02 -15.85 13.66
N LEU B 223 24.25 -16.56 12.81
CA LEU B 223 22.82 -16.25 12.57
C LEU B 223 21.88 -17.03 13.50
N SER B 224 20.92 -16.34 14.10
CA SER B 224 19.90 -16.98 14.95
C SER B 224 18.72 -17.42 14.08
N VAL B 225 18.77 -18.66 13.59
CA VAL B 225 17.74 -19.18 12.66
C VAL B 225 17.80 -20.71 12.54
N ASP B 226 16.65 -21.34 12.25
CA ASP B 226 16.55 -22.79 12.09
C ASP B 226 17.35 -23.22 10.86
N MET B 227 18.47 -23.91 11.08
CA MET B 227 19.31 -24.37 9.97
C MET B 227 18.76 -25.57 9.21
N GLU B 228 17.93 -26.39 9.87
CA GLU B 228 17.22 -27.47 9.19
C GLU B 228 16.41 -26.94 8.00
N LYS B 229 15.58 -25.92 8.27
CA LYS B 229 14.70 -25.32 7.26
C LYS B 229 15.48 -24.69 6.08
N ILE B 230 16.63 -24.08 6.39
CA ILE B 230 17.55 -23.57 5.36
C ILE B 230 18.06 -24.73 4.50
N LEU B 231 18.54 -25.80 5.15
CA LEU B 231 19.04 -26.97 4.40
C LEU B 231 17.93 -27.50 3.50
N GLU B 232 16.70 -27.59 4.03
CA GLU B 232 15.55 -28.00 3.19
C GLU B 232 15.46 -27.15 1.92
N ILE B 233 15.62 -25.83 2.06
CA ILE B 233 15.60 -24.89 0.92
C ILE B 233 16.79 -25.09 -0.04
N ILE B 234 17.97 -25.40 0.49
CA ILE B 234 19.15 -25.70 -0.34
C ILE B 234 18.90 -26.95 -1.21
N ARG B 235 18.27 -27.98 -0.64
CA ARG B 235 17.98 -29.21 -1.39
C ARG B 235 17.12 -28.96 -2.63
N VAL B 236 16.08 -28.15 -2.49
CA VAL B 236 15.21 -27.79 -3.62
C VAL B 236 16.00 -27.02 -4.69
N ILE B 237 16.83 -26.07 -4.24
CA ILE B 237 17.73 -25.33 -5.12
C ILE B 237 18.67 -26.28 -5.85
N LEU B 238 19.35 -27.15 -5.10
CA LEU B 238 20.24 -28.16 -5.74
C LEU B 238 19.49 -29.05 -6.73
N LYS B 239 18.26 -29.43 -6.40
CA LYS B 239 17.44 -30.27 -7.27
C LYS B 239 17.02 -29.50 -8.51
N LEU B 240 16.61 -28.25 -8.32
CA LEU B 240 16.25 -27.36 -9.41
C LEU B 240 17.28 -27.33 -10.53
N TYR B 241 18.56 -27.26 -10.16
CA TYR B 241 19.64 -27.23 -11.16
C TYR B 241 19.89 -28.57 -11.87
N GLU B 242 19.47 -29.68 -11.26
CA GLU B 242 19.45 -30.98 -11.94
C GLU B 242 18.18 -31.18 -12.79
N GLN B 243 17.07 -30.57 -12.38
CA GLN B 243 15.87 -30.49 -13.23
C GLN B 243 16.21 -29.65 -14.48
N TRP B 244 16.92 -28.54 -14.29
CA TRP B 244 17.33 -27.61 -15.35
C TRP B 244 18.17 -28.33 -16.41
N LYS B 245 19.18 -29.05 -15.93
CA LYS B 245 20.03 -29.90 -16.76
C LYS B 245 19.19 -30.85 -17.62
N ASN B 246 18.32 -31.62 -16.97
CA ASN B 246 17.61 -32.73 -17.63
C ASN B 246 16.40 -32.34 -18.48
N PHE B 247 16.02 -31.05 -18.45
CA PHE B 247 14.81 -30.52 -19.08
C PHE B 247 15.19 -29.73 -20.32
N ASP B 248 14.54 -30.03 -21.44
CA ASP B 248 14.67 -29.20 -22.65
C ASP B 248 13.30 -28.57 -22.89
N GLU B 249 13.11 -27.42 -22.25
CA GLU B 249 11.89 -26.61 -22.34
C GLU B 249 11.41 -26.53 -23.78
N ARG B 250 12.34 -26.21 -24.68
CA ARG B 250 11.99 -25.99 -26.08
C ARG B 250 11.58 -27.27 -26.82
N LYS B 251 12.19 -28.40 -26.48
CA LYS B 251 11.85 -29.66 -27.15
C LYS B 251 10.60 -30.35 -26.58
N GLU B 252 10.21 -30.01 -25.34
CA GLU B 252 9.12 -30.70 -24.62
C GLU B 252 7.83 -29.88 -24.34
N MET B 253 7.88 -28.55 -24.38
CA MET B 253 6.75 -27.74 -23.87
C MET B 253 5.46 -27.73 -24.70
N ALA B 254 5.57 -27.87 -26.01
CA ALA B 254 4.38 -27.89 -26.88
C ALA B 254 3.47 -29.08 -26.53
N THR B 255 4.08 -30.25 -26.35
CA THR B 255 3.37 -31.48 -25.98
C THR B 255 2.77 -31.40 -24.58
N ILE B 256 3.55 -30.91 -23.63
CA ILE B 256 3.09 -30.76 -22.24
C ILE B 256 1.91 -29.79 -22.16
N LEU B 257 1.98 -28.70 -22.92
CA LEU B 257 0.87 -27.75 -23.03
C LEU B 257 -0.39 -28.38 -23.64
N SER B 258 -0.23 -29.31 -24.59
CA SER B 258 -1.38 -30.05 -25.11
C SER B 258 -2.00 -30.96 -24.05
N LYS B 259 -1.19 -31.51 -23.15
CA LYS B 259 -1.68 -32.38 -22.07
C LYS B 259 -2.46 -31.64 -20.98
N MET B 260 -2.21 -30.34 -20.82
CA MET B 260 -2.99 -29.50 -19.89
C MET B 260 -4.48 -29.68 -20.11
N PRO B 261 -5.26 -29.79 -19.02
CA PRO B 261 -6.72 -29.94 -19.19
C PRO B 261 -7.36 -28.69 -19.78
N LYS B 262 -8.20 -28.88 -20.79
CA LYS B 262 -8.91 -27.76 -21.42
C LYS B 262 -10.15 -27.42 -20.57
N PRO B 263 -10.58 -26.13 -20.58
CA PRO B 263 -11.82 -25.76 -19.88
C PRO B 263 -13.06 -26.37 -20.52
N LYS B 264 -14.15 -26.42 -19.75
CA LYS B 264 -15.45 -26.79 -20.28
C LYS B 264 -16.01 -25.54 -20.97
N PRO B 265 -16.62 -25.71 -22.17
CA PRO B 265 -17.32 -24.59 -22.78
C PRO B 265 -18.66 -24.34 -22.08
N PRO B 266 -19.34 -23.23 -22.39
CA PRO B 266 -20.74 -23.06 -21.96
C PRO B 266 -21.69 -24.08 -22.60
N PRO B 267 -22.85 -24.34 -21.97
CA PRO B 267 -23.88 -25.17 -22.58
C PRO B 267 -24.77 -24.36 -23.53
C FMT C . -0.49 17.16 3.83
O1 FMT C . -0.28 17.47 2.65
O2 FMT C . -0.59 16.00 4.23
#